data_1HWV
#
_entry.id   1HWV
#
_cell.length_a   1.000
_cell.length_b   1.000
_cell.length_c   1.000
_cell.angle_alpha   90.00
_cell.angle_beta   90.00
_cell.angle_gamma   90.00
#
_symmetry.space_group_name_H-M   'P 1'
#
loop_
_entity.id
_entity.type
_entity.pdbx_description
1 polymer "5'-D(*CP*CP*AP*TP*CP*GP*CP*TP*AP*CP*C)-3'"
2 polymer "5'-D(*GP*GP*TP*AP*GP*CP*GP*AP*TP*GP*G)-3'"
3 non-polymer (1S)-1,2,3,4-TETRAHYDRO-BENZO[C]PHENANTHRENE-2,3,4-TRIOL
#
loop_
_entity_poly.entity_id
_entity_poly.type
_entity_poly.pdbx_seq_one_letter_code
_entity_poly.pdbx_strand_id
1 'polydeoxyribonucleotide' (DC)(DC)(DA)(DT)(DC)(DG)(DC)(DT)(DA)(DC)(DC) A
2 'polydeoxyribonucleotide' (DG)(DG)(DT)(DA)(DG)(DC)(DG)(DA)(DT)(DG)(DG) B
#
loop_
_chem_comp.id
_chem_comp.type
_chem_comp.name
_chem_comp.formula
BPI non-polymer (1S)-1,2,3,4-TETRAHYDRO-BENZO[C]PHENANTHRENE-2,3,4-TRIOL 'C18 H16 O3'
DA DNA linking 2'-DEOXYADENOSINE-5'-MONOPHOSPHATE 'C10 H14 N5 O6 P'
DC DNA linking 2'-DEOXYCYTIDINE-5'-MONOPHOSPHATE 'C9 H14 N3 O7 P'
DG DNA linking 2'-DEOXYGUANOSINE-5'-MONOPHOSPHATE 'C10 H14 N5 O7 P'
DT DNA linking THYMIDINE-5'-MONOPHOSPHATE 'C10 H15 N2 O8 P'
#
# COMPACT_ATOMS: atom_id res chain seq x y z
C1 BPI C . 1.23 0.70 -0.49
C2 BPI C . 2.11 1.88 0.08
O2 BPI C . 2.42 2.71 -1.06
C3 BPI C . 1.24 2.54 1.20
O3 BPI C . 0.11 3.18 0.59
C4 BPI C . 1.11 1.36 2.23
O4 BPI C . 2.35 0.70 2.52
C5 BPI C . -0.41 -0.47 2.70
C6 BPI C . -1.07 -1.65 2.33
C7 BPI C . -1.43 -3.43 0.71
C8 BPI C . -1.22 -3.99 -0.55
C9 BPI C . -0.97 -3.64 -2.97
C10 BPI C . -0.90 -2.73 -4.05
C11 BPI C . -0.78 -1.36 -3.75
C12 BPI C . -0.70 -0.90 -2.44
C13 BPI C . 0.41 -0.14 0.38
C14 BPI C . 0.35 0.24 1.76
C15 BPI C . -0.98 -2.14 1.01
C16 BPI C . -0.35 -1.33 0.00
C17 BPI C . -0.64 -1.78 -1.33
C18 BPI C . -0.91 -3.15 -1.64
H11A BPI C . 0.33 1.09 -0.97
H2 BPI C . 3.00 1.56 0.64
HO2 BPI C . 2.68 2.21 -1.83
H3 BPI C . 1.78 3.27 1.82
HO3 BPI C . 0.39 3.64 -0.21
H4 BPI C . 0.75 1.82 3.16
HO4 BPI C . 2.43 0.49 3.46
H5 BPI C . -0.52 -0.13 3.72
H6 BPI C . -1.69 -2.14 3.05
H7 BPI C . -2.01 -4.01 1.42
H8 BPI C . -1.27 -5.06 -0.65
H9 BPI C . -1.07 -4.70 -3.15
H10 BPI C . -0.91 -3.10 -5.06
H11 BPI C . -0.73 -0.54 -4.46
H12 BPI C . -0.68 0.17 -2.37
C1 BPI C . 1.05 0.95 -0.42
C2 BPI C . 1.98 2.09 0.14
O2 BPI C . 2.40 2.73 -1.05
C3 BPI C . 1.13 2.90 1.15
O3 BPI C . 0.09 3.55 0.40
C4 BPI C . 0.92 1.79 2.25
O4 BPI C . 2.16 1.18 2.64
C5 BPI C . -0.55 -0.05 2.84
C6 BPI C . -1.19 -1.26 2.54
C7 BPI C . -1.52 -3.13 1.02
C8 BPI C . -1.31 -3.73 -0.23
C9 BPI C . -1.09 -3.50 -2.67
C10 BPI C . -1.05 -2.64 -3.79
C11 BPI C . -0.98 -1.24 -3.56
C12 BPI C . -0.90 -0.73 -2.28
C13 BPI C . 0.23 0.16 0.51
C14 BPI C . 0.18 0.63 1.85
C15 BPI C . -1.10 -1.81 1.25
C16 BPI C . -0.51 -1.05 0.19
C17 BPI C . -0.81 -1.55 -1.11
C18 BPI C . -1.03 -2.94 -1.36
H11A BPI C . 0.18 1.36 -0.96
H2 BPI C . 2.81 1.73 0.77
HO2 BPI C . 3.30 2.46 -1.26
H3 BPI C . 1.66 3.64 1.76
HO3 BPI C . 0.46 3.93 -0.42
H4 BPI C . 0.53 2.32 3.14
HO4 BPI C . 2.24 1.05 3.58
H5 BPI C . -0.64 0.34 3.84
H6 BPI C . -1.80 -1.73 3.30
H7 BPI C . -2.05 -3.69 1.77
H8 BPI C . -1.35 -4.81 -0.26
H9 BPI C . -1.16 -4.56 -2.80
H10 BPI C . -1.03 -3.04 -4.79
H11 BPI C . -0.97 -0.46 -4.31
H12 BPI C . -0.93 0.35 -2.25
C1 BPI C . 1.07 1.38 -0.50
C2 BPI C . 2.00 2.54 0.05
O2 BPI C . 2.55 3.23 -1.07
C3 BPI C . 1.12 3.30 1.08
O3 BPI C . 0.04 3.94 0.37
C4 BPI C . 0.98 2.19 2.18
O4 BPI C . 2.27 1.64 2.54
C5 BPI C . -0.52 0.38 2.79
C6 BPI C . -1.14 -0.84 2.50
C7 BPI C . -1.45 -2.73 1.02
C8 BPI C . -1.25 -3.37 -0.20
C9 BPI C . -1.02 -3.19 -2.64
C10 BPI C . -0.97 -2.36 -3.78
C11 BPI C . -0.91 -0.96 -3.59
C12 BPI C . -0.85 -0.40 -2.33
C13 BPI C . 0.27 0.57 0.44
C14 BPI C . 0.23 1.05 1.79
C15 BPI C . -1.04 -1.40 1.22
C16 BPI C . -0.46 -0.65 0.15
C17 BPI C . -0.76 -1.20 -1.15
C18 BPI C . -0.97 -2.59 -1.35
H11A BPI C . 0.19 1.72 -1.05
H2 BPI C . 2.82 2.19 0.68
HO2 BPI C . 2.09 3.08 -1.90
H3 BPI C . 1.65 4.05 1.69
HO3 BPI C . -0.80 3.83 0.84
H4 BPI C . 0.63 2.70 3.09
HO4 BPI C . 2.25 0.79 3.02
H5 BPI C . -0.64 0.80 3.78
H6 BPI C . -1.74 -1.30 3.26
H7 BPI C . -1.97 -3.27 1.80
H8 BPI C . -1.27 -4.44 -0.21
H9 BPI C . -1.10 -4.26 -2.75
H10 BPI C . -0.96 -2.78 -4.77
H11 BPI C . -0.88 -0.21 -4.38
H12 BPI C . -0.90 0.68 -2.32
C1 BPI C . 1.19 1.26 -0.41
C2 BPI C . 2.19 2.37 0.08
O2 BPI C . 2.70 2.92 -1.12
C3 BPI C . 1.39 3.23 1.09
O3 BPI C . 0.37 3.90 0.34
C4 BPI C . 1.16 2.17 2.25
O4 BPI C . 2.41 1.55 2.66
C5 BPI C . -0.46 0.47 2.92
C6 BPI C . -1.14 -0.72 2.67
C7 BPI C . -1.53 -2.64 1.23
C8 BPI C . -1.36 -3.30 0.01
C9 BPI C . -1.18 -3.16 -2.44
C10 BPI C . -1.14 -2.35 -3.59
C11 BPI C . -1.03 -0.94 -3.42
C12 BPI C . -0.91 -0.39 -2.15
C13 BPI C . 0.34 0.55 0.56
C14 BPI C . 0.33 1.06 1.90
C15 BPI C . -1.06 -1.33 1.40
C16 BPI C . -0.46 -0.63 0.31
C17 BPI C . -0.80 -1.18 -0.97
C18 BPI C . -1.07 -2.58 -1.17
H11A BPI C . 0.31 1.67 -0.94
H2 BPI C . 3.03 2.02 0.71
HO2 BPI C . 2.04 3.51 -1.51
H3 BPI C . 1.96 3.97 1.67
HO3 BPI C . -0.49 3.89 0.79
H4 BPI C . 0.85 2.74 3.12
HO4 BPI C . 2.59 0.64 2.37
H5 BPI C . -0.55 0.93 3.90
H6 BPI C . -1.75 -1.14 3.44
H7 BPI C . -2.08 -3.14 2.01
H8 BPI C . -1.41 -4.39 0.02
H9 BPI C . -1.29 -4.24 -2.54
H10 BPI C . -1.19 -2.78 -4.58
H11 BPI C . -1.00 -0.20 -4.21
H12 BPI C . -0.91 0.68 -2.15
C1 BPI C . 1.21 1.34 -0.44
C2 BPI C . 2.20 2.48 0.01
O2 BPI C . 2.61 3.06 -1.21
C3 BPI C . 1.42 3.34 1.06
O3 BPI C . 0.39 4.01 0.31
C4 BPI C . 1.22 2.28 2.20
O4 BPI C . 2.43 1.59 2.56
C5 BPI C . -0.31 0.52 2.92
C6 BPI C . -1.00 -0.67 2.67
C7 BPI C . -1.48 -2.58 1.25
C8 BPI C . -1.32 -3.25 0.02
C9 BPI C . -1.16 -3.13 -2.43
C10 BPI C . -1.09 -2.33 -3.59
C11 BPI C . -0.95 -0.93 -3.43
C12 BPI C . -0.84 -0.36 -2.18
C13 BPI C . 0.40 0.62 0.54
C14 BPI C . 0.42 1.14 1.87
C15 BPI C . -0.98 -1.27 1.40
C16 BPI C . -0.39 -0.57 0.29
C17 BPI C . -0.75 -1.12 -0.98
C18 BPI C . -1.03 -2.52 -1.15
H11A BPI C . 0.31 1.71 -0.95
H2 BPI C . 3.05 2.13 0.62
HO2 BPI C . 1.91 3.63 -1.54
H3 BPI C . 2.02 4.08 1.62
HO3 BPI C . 0.02 4.76 0.80
H4 BPI C . 0.90 2.82 3.10
HO4 BPI C . 3.01 2.10 3.14
H5 BPI C . -0.36 0.93 3.91
H6 BPI C . -1.58 -1.10 3.48
H7 BPI C . -2.02 -3.06 2.04
H8 BPI C . -1.41 -4.32 0.02
H9 BPI C . -1.29 -4.20 -2.50
H10 BPI C . -1.14 -2.79 -4.57
H11 BPI C . -0.88 -0.19 -4.22
H12 BPI C . -0.84 0.72 -2.19
C1 BPI C . 1.07 1.18 -0.75
C2 BPI C . 1.90 2.45 -0.34
O2 BPI C . 2.30 2.95 -1.61
C3 BPI C . 0.98 3.24 0.65
O3 BPI C . -0.10 3.75 -0.12
C4 BPI C . 0.88 2.22 1.84
O4 BPI C . 2.19 1.76 2.24
C5 BPI C . -0.45 0.30 2.58
C6 BPI C . -1.06 -0.94 2.33
C7 BPI C . -1.45 -2.84 0.89
C8 BPI C . -1.26 -3.51 -0.34
C9 BPI C . -1.11 -3.36 -2.77
C10 BPI C . -1.09 -2.56 -3.93
C11 BPI C . -1.02 -1.16 -3.77
C12 BPI C . -0.91 -0.59 -2.51
C13 BPI C . 0.26 0.45 0.22
C14 BPI C . 0.21 0.98 1.54
C15 BPI C . -1.02 -1.52 1.06
C16 BPI C . -0.47 -0.79 -0.04
C17 BPI C . -0.79 -1.35 -1.32
C18 BPI C . -1.01 -2.75 -1.51
H11A BPI C . 0.17 1.50 -1.30
H2 BPI C . 2.76 2.27 0.32
HO2 BPI C . 2.19 3.90 -1.65
H3 BPI C . 1.45 4.08 1.18
HO3 BPI C . -0.95 3.65 0.32
H4 BPI C . 0.47 2.75 2.71
HO4 BPI C . 2.29 1.70 3.19
H5 BPI C . -0.50 0.70 3.58
H6 BPI C . -1.61 -1.41 3.14
H7 BPI C . -1.98 -3.38 1.66
H8 BPI C . -1.29 -4.58 -0.32
H9 BPI C . -1.19 -4.44 -2.86
H10 BPI C . -1.11 -3.00 -4.92
H11 BPI C . -1.02 -0.41 -4.56
H12 BPI C . -0.94 0.50 -2.53
C1 BPI C . 1.10 1.31 -0.55
C2 BPI C . 2.07 2.51 -0.18
O2 BPI C . 2.53 2.95 -1.47
C3 BPI C . 1.24 3.41 0.78
O3 BPI C . 0.19 3.97 -0.02
C4 BPI C . 1.08 2.44 2.01
O4 BPI C . 2.38 1.97 2.42
C5 BPI C . -0.37 0.66 2.87
C6 BPI C . -1.03 -0.57 2.68
C7 BPI C . -1.51 -2.54 1.34
C8 BPI C . -1.37 -3.26 0.15
C9 BPI C . -1.24 -3.23 -2.31
C10 BPI C . -1.20 -2.47 -3.49
C11 BPI C . -1.08 -1.07 -3.40
C12 BPI C . -0.96 -0.45 -2.16
C13 BPI C . 0.30 0.65 0.48
C14 BPI C . 0.31 1.25 1.78
C15 BPI C . -1.03 -1.22 1.44
C16 BPI C . -0.48 -0.56 0.30
C17 BPI C . -0.84 -1.16 -0.95
C18 BPI C . -1.12 -2.57 -1.05
H11A BPI C . 0.21 1.65 -1.09
H2 BPI C . 2.92 2.25 0.47
HO2 BPI C . 1.86 3.47 -1.91
H3 BPI C . 1.79 4.22 1.29
HO3 BPI C . 0.36 4.90 -0.25
H4 BPI C . 0.71 3.04 2.86
HO4 BPI C . 2.38 1.20 3.00
H5 BPI C . -0.39 1.12 3.84
H6 BPI C . -1.58 -0.99 3.51
H7 BPI C . -2.05 -3.00 2.16
H8 BPI C . -1.41 -4.34 0.17
H9 BPI C . -1.37 -4.30 -2.36
H10 BPI C . -1.24 -2.95 -4.47
H11 BPI C . -1.03 -0.39 -4.25
H12 BPI C . -0.99 0.63 -2.23
#